data_2BRS
#
_entry.id   2BRS
#
_cell.length_a   75.913
_cell.length_b   57.917
_cell.length_c   61.831
_cell.angle_alpha   90.00
_cell.angle_beta   111.85
_cell.angle_gamma   90.00
#
_symmetry.space_group_name_H-M   'C 1 2 1'
#
loop_
_entity.id
_entity.type
_entity.pdbx_description
1 polymer 'EOSINOPHIL-GRANULE MAJOR BASIC PROTEIN'
2 branched '2-O-sulfo-beta-L-altropyranuronic acid-(1-4)-2-deoxy-6-O-sulfo-2-(sulfoamino)-alpha-D-glucopyranose'
3 non-polymer 'SULFATE ION'
4 water water
#
_entity_poly.entity_id   1
_entity_poly.type   'polypeptide(L)'
_entity_poly.pdbx_seq_one_letter_code
;TCRYLLVRSLQTFSQAWFTCRRCYRGNLVSIHNFNINYRIQCSVSALNQGQVWIGGRITGSGRCRRFQWVDGSRWNFAYW
AAHQPWSRGGHCVALCTRGGYWRRAHCLRRLPFICSY
;
_entity_poly.pdbx_strand_id   A,B
#
# COMPACT_ATOMS: atom_id res chain seq x y z
N ARG A 3 -17.10 2.45 25.75
CA ARG A 3 -18.07 3.53 25.40
C ARG A 3 -17.95 3.91 23.94
N TYR A 4 -19.04 3.75 23.19
CA TYR A 4 -19.05 4.07 21.78
C TYR A 4 -20.26 4.95 21.46
N LEU A 5 -20.18 5.68 20.34
CA LEU A 5 -21.29 6.54 19.94
C LEU A 5 -21.41 6.52 18.44
N LEU A 6 -22.61 6.80 17.95
CA LEU A 6 -22.89 6.82 16.51
C LEU A 6 -22.90 8.24 15.96
N VAL A 7 -22.22 8.45 14.84
CA VAL A 7 -22.18 9.75 14.18
C VAL A 7 -22.97 9.55 12.90
N ARG A 8 -24.12 10.23 12.78
CA ARG A 8 -24.96 10.07 11.60
C ARG A 8 -24.43 10.68 10.32
N SER A 9 -23.52 11.64 10.46
CA SER A 9 -22.92 12.30 9.30
C SER A 9 -22.28 11.29 8.35
N LEU A 10 -22.51 11.48 7.04
CA LEU A 10 -21.96 10.60 6.00
C LEU A 10 -20.54 11.04 5.62
N GLN A 11 -19.56 10.17 5.88
CA GLN A 11 -18.17 10.49 5.60
C GLN A 11 -17.29 9.33 5.10
N THR A 12 -16.24 9.66 4.37
CA THR A 12 -15.27 8.68 3.88
C THR A 12 -14.53 8.10 5.10
N PHE A 13 -13.80 7.01 4.90
CA PHE A 13 -13.06 6.39 6.01
C PHE A 13 -12.08 7.40 6.66
N SER A 14 -11.25 8.03 5.83
CA SER A 14 -10.27 9.00 6.32
C SER A 14 -10.91 10.19 7.05
N GLN A 15 -12.07 10.62 6.57
CA GLN A 15 -12.77 11.74 7.21
C GLN A 15 -13.26 11.31 8.59
N ALA A 16 -13.88 10.14 8.66
CA ALA A 16 -14.40 9.62 9.90
C ALA A 16 -13.29 9.43 10.92
N TRP A 17 -12.16 8.86 10.48
CA TRP A 17 -11.00 8.64 11.33
C TRP A 17 -10.69 9.91 12.07
N PHE A 18 -10.60 10.99 11.29
CA PHE A 18 -10.31 12.32 11.80
C PHE A 18 -11.39 12.80 12.77
N THR A 19 -12.64 12.71 12.32
CA THR A 19 -13.74 13.16 13.16
C THR A 19 -13.77 12.49 14.53
N CYS A 20 -13.58 11.16 14.58
CA CYS A 20 -13.60 10.47 15.86
C CYS A 20 -12.53 11.01 16.80
N ARG A 21 -11.35 11.31 16.26
CA ARG A 21 -10.27 11.83 17.08
C ARG A 21 -10.45 13.26 17.59
N ARG A 22 -10.80 14.18 16.69
CA ARG A 22 -10.95 15.60 17.09
C ARG A 22 -12.25 15.99 17.80
N CYS A 23 -13.38 15.45 17.36
CA CYS A 23 -14.67 15.78 17.99
C CYS A 23 -14.94 14.97 19.26
N TYR A 24 -14.43 13.74 19.32
CA TYR A 24 -14.69 12.91 20.50
C TYR A 24 -13.49 12.38 21.28
N ARG A 25 -12.29 12.77 20.86
CA ARG A 25 -11.06 12.34 21.52
C ARG A 25 -10.95 10.83 21.56
N GLY A 26 -11.44 10.17 20.50
CA GLY A 26 -11.41 8.73 20.44
C GLY A 26 -10.93 8.22 19.09
N ASN A 27 -11.43 7.06 18.69
CA ASN A 27 -11.06 6.43 17.42
C ASN A 27 -12.24 5.65 16.85
N LEU A 28 -12.19 5.38 15.55
CA LEU A 28 -13.21 4.54 14.95
C LEU A 28 -13.10 3.27 15.81
N VAL A 29 -14.24 2.77 16.24
CA VAL A 29 -14.28 1.59 17.10
C VAL A 29 -13.61 0.32 16.56
N SER A 30 -13.15 -0.51 17.50
CA SER A 30 -12.56 -1.81 17.17
C SER A 30 -13.44 -2.80 17.95
N ILE A 31 -13.66 -3.98 17.39
CA ILE A 31 -14.52 -4.99 18.01
C ILE A 31 -13.76 -6.28 18.34
N HIS A 32 -13.87 -6.74 19.57
CA HIS A 32 -13.13 -7.92 20.01
C HIS A 32 -13.96 -9.13 20.43
N ASN A 33 -15.29 -9.02 20.34
CA ASN A 33 -16.15 -10.14 20.72
C ASN A 33 -17.60 -9.97 20.24
N PHE A 34 -18.33 -11.08 20.18
CA PHE A 34 -19.71 -11.08 19.70
C PHE A 34 -20.61 -10.19 20.53
N ASN A 35 -20.41 -10.20 21.84
CA ASN A 35 -21.21 -9.39 22.76
C ASN A 35 -21.26 -7.92 22.34
N ILE A 36 -20.09 -7.31 22.13
CA ILE A 36 -20.01 -5.91 21.72
C ILE A 36 -20.51 -5.70 20.29
N ASN A 37 -20.17 -6.63 19.40
CA ASN A 37 -20.59 -6.52 18.01
C ASN A 37 -22.12 -6.48 17.95
N TYR A 38 -22.76 -7.27 18.81
CA TYR A 38 -24.20 -7.32 18.85
C TYR A 38 -24.80 -6.05 19.42
N ARG A 39 -24.18 -5.52 20.47
CA ARG A 39 -24.67 -4.29 21.08
C ARG A 39 -24.56 -3.15 20.08
N ILE A 40 -23.47 -3.11 19.33
CA ILE A 40 -23.29 -2.09 18.33
C ILE A 40 -24.35 -2.27 17.23
N GLN A 41 -24.59 -3.53 16.87
CA GLN A 41 -25.58 -3.88 15.85
C GLN A 41 -26.96 -3.32 16.20
N CYS A 42 -27.40 -3.59 17.43
CA CYS A 42 -28.70 -3.11 17.90
C CYS A 42 -28.79 -1.57 17.79
N SER A 43 -27.72 -0.90 18.18
CA SER A 43 -27.69 0.57 18.14
C SER A 43 -27.92 1.17 16.75
N VAL A 44 -27.58 0.46 15.69
CA VAL A 44 -27.74 0.99 14.34
C VAL A 44 -28.84 0.28 13.54
N SER A 45 -29.51 -0.69 14.17
CA SER A 45 -30.56 -1.46 13.52
C SER A 45 -31.62 -0.66 12.78
N ALA A 46 -31.81 0.61 13.15
CA ALA A 46 -32.84 1.44 12.52
C ALA A 46 -32.38 2.35 11.38
N LEU A 47 -31.09 2.70 11.36
CA LEU A 47 -30.57 3.58 10.32
C LEU A 47 -31.16 3.27 8.95
N ASN A 48 -31.09 4.23 8.03
CA ASN A 48 -31.61 4.02 6.70
C ASN A 48 -30.52 3.47 5.79
N GLN A 49 -29.25 3.73 6.15
CA GLN A 49 -28.12 3.22 5.38
C GLN A 49 -27.91 1.72 5.68
N GLY A 50 -27.28 1.01 4.76
CA GLY A 50 -27.04 -0.40 4.96
C GLY A 50 -25.79 -0.75 5.75
N GLN A 51 -24.93 0.24 6.00
CA GLN A 51 -23.70 -0.04 6.75
C GLN A 51 -23.01 1.18 7.35
N VAL A 52 -22.15 0.91 8.34
CA VAL A 52 -21.40 1.94 9.04
C VAL A 52 -19.91 1.62 9.14
N TRP A 53 -19.09 2.66 9.09
CA TRP A 53 -17.65 2.48 9.18
C TRP A 53 -17.23 2.10 10.59
N ILE A 54 -16.29 1.17 10.69
CA ILE A 54 -15.70 0.84 11.98
C ILE A 54 -14.20 0.95 11.71
N GLY A 55 -13.39 0.91 12.76
CA GLY A 55 -11.94 1.09 12.61
C GLY A 55 -11.05 0.10 11.89
N GLY A 56 -11.59 -0.75 11.04
CA GLY A 56 -10.76 -1.73 10.35
C GLY A 56 -10.19 -1.35 9.00
N ARG A 57 -8.95 -1.78 8.76
CA ARG A 57 -8.30 -1.51 7.48
C ARG A 57 -7.30 -2.61 7.07
N ILE A 58 -7.25 -2.88 5.78
CA ILE A 58 -6.33 -3.88 5.23
C ILE A 58 -5.16 -3.11 4.59
N THR A 59 -3.99 -3.27 5.17
CA THR A 59 -2.81 -2.56 4.72
C THR A 59 -1.72 -3.43 4.14
N GLY A 60 -0.78 -2.79 3.46
CA GLY A 60 0.34 -3.51 2.88
C GLY A 60 0.34 -3.54 1.37
N SER A 61 1.48 -3.93 0.82
CA SER A 61 1.67 -4.03 -0.61
C SER A 61 2.26 -5.42 -0.90
N GLY A 62 2.04 -5.92 -2.11
CA GLY A 62 2.55 -7.22 -2.48
C GLY A 62 1.63 -8.35 -2.05
N ARG A 63 2.22 -9.50 -1.70
CA ARG A 63 1.45 -10.66 -1.27
C ARG A 63 1.22 -10.67 0.24
N CYS A 64 2.20 -10.17 0.99
CA CYS A 64 2.12 -10.13 2.45
C CYS A 64 1.54 -8.84 3.00
N ARG A 65 0.34 -8.91 3.56
CA ARG A 65 -0.32 -7.73 4.11
C ARG A 65 -0.83 -7.97 5.52
N ARG A 66 -1.60 -7.02 6.06
CA ARG A 66 -2.14 -7.17 7.40
C ARG A 66 -3.45 -6.43 7.65
N PHE A 67 -4.22 -6.95 8.61
CA PHE A 67 -5.50 -6.38 8.99
C PHE A 67 -5.31 -5.65 10.32
N GLN A 68 -5.55 -4.34 10.32
CA GLN A 68 -5.35 -3.54 11.53
C GLN A 68 -6.54 -2.69 11.98
N TRP A 69 -6.46 -2.27 13.24
CA TRP A 69 -7.44 -1.41 13.88
C TRP A 69 -6.73 -0.06 14.01
N VAL A 70 -7.40 1.02 13.65
CA VAL A 70 -6.80 2.34 13.75
C VAL A 70 -6.52 2.75 15.20
N ASP A 71 -7.05 1.99 16.16
CA ASP A 71 -6.82 2.31 17.57
C ASP A 71 -5.68 1.49 18.13
N GLY A 72 -4.90 0.86 17.25
CA GLY A 72 -3.79 0.05 17.69
C GLY A 72 -4.05 -1.28 18.39
N SER A 73 -5.28 -1.55 18.82
CA SER A 73 -5.53 -2.83 19.49
C SER A 73 -5.33 -4.00 18.52
N ARG A 74 -5.33 -5.22 19.03
CA ARG A 74 -5.09 -6.35 18.16
C ARG A 74 -6.30 -6.94 17.44
N TRP A 75 -6.03 -7.52 16.27
CA TRP A 75 -7.08 -8.14 15.44
C TRP A 75 -7.25 -9.59 15.88
N ASN A 76 -8.16 -9.81 16.83
CA ASN A 76 -8.42 -11.14 17.37
C ASN A 76 -9.87 -11.61 17.21
N PHE A 77 -10.66 -10.85 16.46
CA PHE A 77 -12.06 -11.20 16.26
C PHE A 77 -12.60 -10.58 14.97
N ALA A 78 -13.52 -11.29 14.33
CA ALA A 78 -14.15 -10.79 13.11
C ALA A 78 -15.45 -11.56 12.89
N TYR A 79 -16.41 -10.92 12.22
CA TYR A 79 -17.70 -11.57 11.97
C TYR A 79 -18.09 -11.25 10.52
N TRP A 80 -17.29 -11.77 9.59
CA TRP A 80 -17.47 -11.53 8.15
C TRP A 80 -18.73 -12.12 7.50
N ALA A 81 -19.29 -11.35 6.56
CA ALA A 81 -20.47 -11.78 5.83
C ALA A 81 -20.06 -12.92 4.91
N ALA A 82 -20.85 -13.99 4.90
CA ALA A 82 -20.55 -15.14 4.06
C ALA A 82 -20.47 -14.77 2.58
N HIS A 83 -21.29 -13.82 2.15
CA HIS A 83 -21.26 -13.43 0.73
C HIS A 83 -20.99 -11.97 0.47
N GLN A 84 -19.93 -11.71 -0.30
CA GLN A 84 -19.53 -10.36 -0.58
C GLN A 84 -18.35 -10.32 -1.54
N PRO A 85 -18.25 -9.26 -2.34
CA PRO A 85 -17.10 -9.19 -3.25
C PRO A 85 -15.94 -9.12 -2.25
N TRP A 86 -14.96 -10.00 -2.41
CA TRP A 86 -13.83 -10.03 -1.47
C TRP A 86 -12.59 -9.44 -2.13
N SER A 87 -12.09 -10.13 -3.14
CA SER A 87 -10.91 -9.69 -3.89
C SER A 87 -11.31 -8.37 -4.53
N ARG A 88 -10.47 -7.34 -4.37
CA ARG A 88 -10.74 -6.01 -4.93
C ARG A 88 -11.98 -5.34 -4.34
N GLY A 89 -12.54 -5.92 -3.28
CA GLY A 89 -13.72 -5.36 -2.66
C GLY A 89 -13.47 -4.11 -1.81
N GLY A 90 -12.21 -3.73 -1.60
CA GLY A 90 -11.92 -2.56 -0.80
C GLY A 90 -10.96 -2.79 0.34
N HIS A 91 -10.34 -1.71 0.83
CA HIS A 91 -9.37 -1.79 1.92
C HIS A 91 -9.89 -1.28 3.27
N CYS A 92 -11.16 -0.90 3.31
CA CYS A 92 -11.76 -0.42 4.55
C CYS A 92 -12.89 -1.34 5.01
N VAL A 93 -13.10 -1.44 6.31
CA VAL A 93 -14.11 -2.34 6.89
C VAL A 93 -15.38 -1.67 7.44
N ALA A 94 -16.53 -2.16 7.01
CA ALA A 94 -17.82 -1.62 7.45
C ALA A 94 -18.70 -2.71 8.09
N LEU A 95 -19.59 -2.30 8.99
CA LEU A 95 -20.50 -3.22 9.68
C LEU A 95 -21.92 -3.03 9.10
N CYS A 96 -22.60 -4.14 8.80
CA CYS A 96 -23.95 -4.06 8.22
C CYS A 96 -25.04 -3.83 9.26
N THR A 97 -25.89 -2.83 8.99
CA THR A 97 -26.99 -2.52 9.90
C THR A 97 -27.92 -3.72 10.09
N ARG A 98 -27.91 -4.65 9.12
CA ARG A 98 -28.74 -5.84 9.20
C ARG A 98 -27.89 -7.07 9.42
N GLY A 99 -28.06 -7.70 10.57
CA GLY A 99 -27.30 -8.91 10.88
C GLY A 99 -25.96 -8.64 11.57
N GLY A 100 -25.43 -7.43 11.42
CA GLY A 100 -24.17 -7.09 12.03
C GLY A 100 -22.93 -7.66 11.35
N TYR A 101 -23.05 -8.07 10.08
CA TYR A 101 -21.90 -8.63 9.36
C TYR A 101 -20.91 -7.57 8.88
N TRP A 102 -19.64 -7.95 8.83
CA TRP A 102 -18.58 -7.06 8.39
C TRP A 102 -18.38 -7.31 6.90
N ARG A 103 -18.09 -6.24 6.15
CA ARG A 103 -17.90 -6.36 4.72
C ARG A 103 -16.76 -5.44 4.29
N ARG A 104 -16.01 -5.83 3.26
CA ARG A 104 -14.95 -4.96 2.77
C ARG A 104 -15.69 -3.88 1.99
N ALA A 105 -15.18 -2.66 2.03
CA ALA A 105 -15.80 -1.55 1.31
C ALA A 105 -14.71 -0.58 0.88
N HIS A 106 -14.97 0.13 -0.19
CA HIS A 106 -14.03 1.11 -0.72
C HIS A 106 -13.98 2.33 0.21
N CYS A 107 -12.77 2.65 0.65
CA CYS A 107 -12.52 3.72 1.60
C CYS A 107 -13.07 5.10 1.24
N LEU A 108 -13.18 5.40 -0.03
CA LEU A 108 -13.70 6.71 -0.43
C LEU A 108 -15.22 6.81 -0.44
N ARG A 109 -15.91 5.74 -0.03
CA ARG A 109 -17.36 5.78 0.03
C ARG A 109 -17.79 6.46 1.32
N ARG A 110 -18.87 7.24 1.26
CA ARG A 110 -19.38 7.96 2.42
C ARG A 110 -20.43 7.16 3.19
N LEU A 111 -20.19 6.99 4.49
CA LEU A 111 -21.12 6.23 5.34
C LEU A 111 -21.15 6.79 6.75
N PRO A 112 -22.13 6.35 7.55
CA PRO A 112 -22.25 6.80 8.94
C PRO A 112 -21.16 5.99 9.64
N PHE A 113 -20.84 6.27 10.90
CA PHE A 113 -19.77 5.51 11.56
C PHE A 113 -19.86 5.49 13.08
N ILE A 114 -19.09 4.58 13.69
CA ILE A 114 -19.06 4.41 15.13
C ILE A 114 -17.71 4.85 15.75
N CYS A 115 -17.77 5.76 16.71
CA CYS A 115 -16.56 6.22 17.39
C CYS A 115 -16.63 5.68 18.81
N SER A 116 -15.47 5.37 19.38
CA SER A 116 -15.40 4.91 20.77
C SER A 116 -14.72 6.06 21.51
N TYR A 117 -14.80 6.08 22.84
CA TYR A 117 -14.16 7.14 23.61
C TYR A 117 -14.05 6.74 25.08
N ARG B 3 30.12 -4.32 -6.58
CA ARG B 3 29.97 -5.45 -7.55
C ARG B 3 28.50 -5.59 -7.95
N TYR B 4 28.22 -5.44 -9.24
CA TYR B 4 26.85 -5.55 -9.74
C TYR B 4 26.91 -6.17 -11.12
N LEU B 5 25.76 -6.56 -11.66
CA LEU B 5 25.71 -7.15 -12.99
C LEU B 5 24.37 -6.96 -13.69
N LEU B 6 24.44 -7.02 -15.02
CA LEU B 6 23.28 -6.85 -15.87
C LEU B 6 22.63 -8.17 -16.26
N VAL B 7 21.30 -8.23 -16.16
CA VAL B 7 20.54 -9.42 -16.53
C VAL B 7 19.70 -9.01 -17.73
N ARG B 8 19.98 -9.60 -18.89
CA ARG B 8 19.28 -9.25 -20.11
C ARG B 8 17.89 -9.84 -20.25
N SER B 9 17.47 -10.61 -19.25
CA SER B 9 16.14 -11.22 -19.28
C SER B 9 15.08 -10.17 -18.98
N LEU B 10 13.93 -10.26 -19.66
CA LEU B 10 12.84 -9.31 -19.45
C LEU B 10 11.88 -9.78 -18.35
N GLN B 11 11.81 -9.03 -17.27
CA GLN B 11 10.95 -9.41 -16.15
C GLN B 11 10.27 -8.25 -15.45
N THR B 12 9.22 -8.57 -14.70
CA THR B 12 8.49 -7.57 -13.93
C THR B 12 9.34 -7.27 -12.71
N PHE B 13 9.01 -6.20 -11.99
CA PHE B 13 9.77 -5.83 -10.81
C PHE B 13 9.88 -7.01 -9.84
N SER B 14 8.74 -7.58 -9.49
CA SER B 14 8.67 -8.71 -8.56
C SER B 14 9.47 -9.93 -9.00
N GLN B 15 9.37 -10.29 -10.27
CA GLN B 15 10.10 -11.44 -10.79
C GLN B 15 11.61 -11.18 -10.67
N ALA B 16 12.03 -9.99 -11.10
CA ALA B 16 13.43 -9.60 -11.06
C ALA B 16 13.96 -9.63 -9.62
N TRP B 17 13.14 -9.20 -8.67
CA TRP B 17 13.50 -9.20 -7.24
C TRP B 17 13.97 -10.60 -6.83
N PHE B 18 13.18 -11.59 -7.23
CA PHE B 18 13.43 -13.01 -6.95
C PHE B 18 14.69 -13.49 -7.66
N THR B 19 14.82 -13.15 -8.94
CA THR B 19 15.97 -13.58 -9.71
C THR B 19 17.30 -13.10 -9.13
N CYS B 20 17.35 -11.86 -8.66
CA CYS B 20 18.59 -11.36 -8.09
C CYS B 20 18.99 -12.19 -6.86
N ARG B 21 18.02 -12.49 -6.02
CA ARG B 21 18.29 -13.29 -4.83
C ARG B 21 18.59 -14.78 -5.07
N ARG B 22 17.86 -15.42 -5.96
CA ARG B 22 18.06 -16.84 -6.20
C ARG B 22 19.18 -17.21 -7.15
N CYS B 23 19.32 -16.48 -8.26
CA CYS B 23 20.38 -16.76 -9.23
C CYS B 23 21.74 -16.18 -8.85
N TYR B 24 21.75 -15.07 -8.12
CA TYR B 24 23.03 -14.45 -7.76
C TYR B 24 23.30 -14.23 -6.29
N ARG B 25 22.39 -14.65 -5.42
CA ARG B 25 22.55 -14.46 -3.97
C ARG B 25 22.71 -12.98 -3.66
N GLY B 26 21.96 -12.15 -4.40
CA GLY B 26 22.05 -10.71 -4.19
C GLY B 26 20.71 -10.00 -4.13
N ASN B 27 20.68 -8.77 -4.64
CA ASN B 27 19.47 -7.94 -4.64
C ASN B 27 19.49 -6.96 -5.79
N LEU B 28 18.31 -6.42 -6.11
CA LEU B 28 18.24 -5.40 -7.14
C LEU B 28 19.13 -4.30 -6.53
N VAL B 29 19.89 -3.64 -7.40
CA VAL B 29 20.85 -2.63 -7.00
C VAL B 29 20.30 -1.35 -6.35
N SER B 30 21.07 -0.78 -5.44
CA SER B 30 20.74 0.48 -4.79
C SER B 30 21.90 1.40 -5.17
N ILE B 31 21.59 2.67 -5.42
CA ILE B 31 22.59 3.66 -5.86
C ILE B 31 22.61 4.81 -4.86
N HIS B 32 23.79 5.11 -4.31
CA HIS B 32 23.92 6.15 -3.31
C HIS B 32 24.73 7.39 -3.66
N ASN B 33 25.14 7.51 -4.93
CA ASN B 33 25.91 8.67 -5.37
C ASN B 33 26.05 8.68 -6.89
N PHE B 34 26.33 9.85 -7.45
CA PHE B 34 26.46 10.00 -8.90
C PHE B 34 27.58 9.19 -9.56
N ASN B 35 28.64 8.86 -8.81
CA ASN B 35 29.74 8.10 -9.41
C ASN B 35 29.32 6.70 -9.84
N ILE B 36 28.74 5.95 -8.92
CA ILE B 36 28.25 4.61 -9.20
C ILE B 36 27.11 4.69 -10.22
N ASN B 37 26.29 5.71 -10.12
CA ASN B 37 25.17 5.86 -11.03
C ASN B 37 25.69 5.92 -12.46
N TYR B 38 26.70 6.76 -12.66
CA TYR B 38 27.30 6.93 -13.97
C TYR B 38 27.96 5.64 -14.45
N ARG B 39 28.66 4.94 -13.56
CA ARG B 39 29.33 3.70 -13.93
C ARG B 39 28.32 2.66 -14.39
N ILE B 40 27.23 2.51 -13.64
CA ILE B 40 26.21 1.56 -14.03
C ILE B 40 25.66 1.99 -15.38
N GLN B 41 25.44 3.29 -15.53
CA GLN B 41 24.94 3.86 -16.77
C GLN B 41 25.81 3.45 -17.97
N CYS B 42 27.13 3.61 -17.84
CA CYS B 42 28.05 3.25 -18.92
C CYS B 42 27.98 1.75 -19.22
N SER B 43 27.90 0.95 -18.16
CA SER B 43 27.82 -0.50 -18.30
C SER B 43 26.58 -0.96 -19.05
N VAL B 44 25.55 -0.12 -19.10
CA VAL B 44 24.32 -0.50 -19.78
C VAL B 44 24.07 0.26 -21.07
N SER B 45 25.04 1.05 -21.50
CA SER B 45 24.91 1.82 -22.74
C SER B 45 24.73 0.81 -23.87
N ALA B 46 25.17 -0.41 -23.60
CA ALA B 46 25.08 -1.51 -24.56
C ALA B 46 23.63 -1.97 -24.72
N LEU B 47 22.91 -2.06 -23.61
CA LEU B 47 21.51 -2.50 -23.63
C LEU B 47 20.75 -1.87 -24.78
N ASN B 48 20.04 -2.71 -25.53
CA ASN B 48 19.27 -2.23 -26.66
C ASN B 48 17.93 -1.71 -26.16
N GLN B 49 17.70 -1.85 -24.86
CA GLN B 49 16.46 -1.36 -24.27
C GLN B 49 16.68 0.09 -23.88
N GLY B 50 15.60 0.75 -23.49
CA GLY B 50 15.70 2.15 -23.09
C GLY B 50 15.81 2.30 -21.58
N GLN B 51 15.52 1.22 -20.84
CA GLN B 51 15.59 1.26 -19.39
C GLN B 51 15.63 -0.11 -18.71
N VAL B 52 16.14 -0.11 -17.49
CA VAL B 52 16.25 -1.33 -16.68
C VAL B 52 15.76 -1.05 -15.26
N TRP B 53 15.36 -2.11 -14.57
CA TRP B 53 14.89 -2.01 -13.21
C TRP B 53 16.06 -1.87 -12.25
N ILE B 54 15.88 -1.08 -11.20
CA ILE B 54 16.87 -0.98 -10.14
C ILE B 54 16.00 -1.27 -8.92
N GLY B 55 16.60 -1.35 -7.74
CA GLY B 55 15.85 -1.69 -6.54
C GLY B 55 14.94 -0.68 -5.85
N GLY B 56 14.46 0.32 -6.57
CA GLY B 56 13.60 1.31 -5.92
C GLY B 56 12.10 1.05 -5.99
N ARG B 57 11.40 1.44 -4.93
CA ARG B 57 9.95 1.28 -4.89
C ARG B 57 9.23 2.33 -4.01
N ILE B 58 8.07 2.78 -4.49
CA ILE B 58 7.23 3.75 -3.79
C ILE B 58 6.06 3.02 -3.12
N THR B 59 6.09 2.96 -1.79
CA THR B 59 5.04 2.27 -1.03
C THR B 59 4.12 3.22 -0.27
N GLY B 60 3.15 2.66 0.44
CA GLY B 60 2.25 3.50 1.23
C GLY B 60 0.78 3.57 0.87
N SER B 61 -0.01 3.98 1.86
CA SER B 61 -1.46 4.15 1.71
C SER B 61 -1.80 5.57 2.17
N GLY B 62 -2.80 6.19 1.53
CA GLY B 62 -3.19 7.53 1.92
C GLY B 62 -2.25 8.63 1.45
N ARG B 63 -2.00 9.59 2.33
CA ARG B 63 -1.12 10.72 2.00
C ARG B 63 0.37 10.43 2.31
N CYS B 64 0.62 9.78 3.44
CA CYS B 64 2.01 9.48 3.81
C CYS B 64 2.55 8.30 3.00
N ARG B 65 3.72 8.50 2.40
CA ARG B 65 4.36 7.46 1.59
C ARG B 65 5.83 7.28 1.99
N ARG B 66 6.62 6.69 1.09
CA ARG B 66 8.04 6.46 1.34
C ARG B 66 8.73 5.79 0.15
N PHE B 67 9.97 6.19 -0.11
CA PHE B 67 10.76 5.63 -1.20
C PHE B 67 11.77 4.69 -0.57
N GLN B 68 11.80 3.43 -1.00
CA GLN B 68 12.71 2.45 -0.40
C GLN B 68 13.55 1.61 -1.37
N TRP B 69 14.62 1.03 -0.83
CA TRP B 69 15.50 0.14 -1.59
C TRP B 69 15.20 -1.28 -1.12
N VAL B 70 15.02 -2.22 -2.04
CA VAL B 70 14.72 -3.59 -1.63
C VAL B 70 15.86 -4.22 -0.83
N ASP B 71 17.06 -3.64 -0.93
CA ASP B 71 18.21 -4.21 -0.20
C ASP B 71 18.35 -3.62 1.19
N GLY B 72 17.35 -2.86 1.61
CA GLY B 72 17.37 -2.27 2.94
C GLY B 72 18.23 -1.04 3.19
N SER B 73 19.05 -0.65 2.22
CA SER B 73 19.92 0.52 2.41
C SER B 73 19.11 1.81 2.48
N ARG B 74 19.77 2.90 2.86
CA ARG B 74 19.08 4.18 2.99
C ARG B 74 18.92 4.93 1.66
N TRP B 75 17.82 5.70 1.55
CA TRP B 75 17.52 6.48 0.36
C TRP B 75 18.14 7.87 0.48
N ASN B 76 19.43 7.96 0.21
CA ASN B 76 20.15 9.23 0.32
C ASN B 76 20.60 9.82 -1.02
N PHE B 77 20.12 9.26 -2.13
CA PHE B 77 20.50 9.75 -3.45
C PHE B 77 19.50 9.36 -4.53
N ALA B 78 19.34 10.24 -5.52
CA ALA B 78 18.45 9.99 -6.66
C ALA B 78 18.89 10.87 -7.83
N TYR B 79 18.46 10.51 -9.04
CA TYR B 79 18.83 11.27 -10.24
C TYR B 79 17.65 11.20 -11.22
N TRP B 80 16.55 11.84 -10.84
CA TRP B 80 15.30 11.84 -11.62
C TRP B 80 15.28 12.62 -12.92
N ALA B 81 14.63 12.06 -13.94
CA ALA B 81 14.51 12.77 -15.21
C ALA B 81 13.68 14.00 -14.83
N ALA B 82 14.03 15.15 -15.40
CA ALA B 82 13.30 16.37 -15.08
C ALA B 82 11.90 16.39 -15.69
N HIS B 83 11.75 15.80 -16.87
CA HIS B 83 10.45 15.77 -17.55
C HIS B 83 9.88 14.36 -17.62
N GLN B 84 8.84 14.09 -16.84
CA GLN B 84 8.27 12.76 -16.84
C GLN B 84 6.90 12.73 -16.16
N PRO B 85 6.13 11.67 -16.44
CA PRO B 85 4.80 11.50 -15.84
C PRO B 85 5.16 11.20 -14.37
N TRP B 86 4.54 11.89 -13.42
CA TRP B 86 4.90 11.67 -12.01
C TRP B 86 3.79 10.97 -11.24
N SER B 87 2.73 11.71 -10.94
CA SER B 87 1.57 11.16 -10.26
C SER B 87 1.02 10.19 -11.29
N ARG B 88 0.80 8.94 -10.90
CA ARG B 88 0.30 7.93 -11.85
C ARG B 88 1.39 7.49 -12.83
N GLY B 89 2.65 7.67 -12.43
CA GLY B 89 3.75 7.27 -13.29
C GLY B 89 4.17 5.83 -13.06
N GLY B 90 3.77 5.31 -11.91
CA GLY B 90 4.10 3.94 -11.53
C GLY B 90 4.68 3.92 -10.13
N HIS B 91 4.80 2.74 -9.54
CA HIS B 91 5.35 2.65 -8.19
C HIS B 91 6.71 1.94 -8.10
N CYS B 92 7.32 1.68 -9.26
CA CYS B 92 8.63 1.05 -9.32
C CYS B 92 9.62 1.96 -10.06
N VAL B 93 10.90 1.84 -9.72
CA VAL B 93 11.94 2.70 -10.31
C VAL B 93 12.83 2.07 -11.37
N ALA B 94 13.02 2.80 -12.47
CA ALA B 94 13.84 2.33 -13.56
C ALA B 94 14.88 3.38 -13.95
N LEU B 95 16.02 2.92 -14.43
CA LEU B 95 17.11 3.80 -14.85
C LEU B 95 17.18 3.81 -16.37
N CYS B 96 17.21 4.99 -16.97
CA CYS B 96 17.27 5.11 -18.42
C CYS B 96 18.68 4.96 -18.95
N THR B 97 18.86 4.04 -19.88
CA THR B 97 20.15 3.73 -20.47
C THR B 97 20.95 4.93 -20.99
N ARG B 98 20.27 6.01 -21.39
CA ARG B 98 21.00 7.20 -21.82
C ARG B 98 20.90 8.22 -20.70
N GLY B 99 22.02 8.84 -20.37
CA GLY B 99 22.02 9.83 -19.30
C GLY B 99 21.94 9.24 -17.91
N GLY B 100 21.26 8.11 -17.79
CA GLY B 100 21.12 7.47 -16.50
C GLY B 100 20.05 8.08 -15.61
N TYR B 101 19.11 8.81 -16.20
CA TYR B 101 18.05 9.44 -15.42
C TYR B 101 17.04 8.38 -14.98
N TRP B 102 16.47 8.59 -13.79
CA TRP B 102 15.49 7.66 -13.23
C TRP B 102 14.07 8.13 -13.54
N ARG B 103 13.16 7.18 -13.66
CA ARG B 103 11.76 7.49 -13.93
C ARG B 103 10.85 6.54 -13.18
N ARG B 104 9.67 7.00 -12.79
CA ARG B 104 8.72 6.11 -12.14
C ARG B 104 8.25 5.19 -13.28
N ALA B 105 7.89 3.96 -12.95
CA ALA B 105 7.43 3.01 -13.97
C ALA B 105 6.48 2.01 -13.36
N HIS B 106 5.53 1.52 -14.17
CA HIS B 106 4.55 0.54 -13.72
C HIS B 106 5.25 -0.80 -13.45
N CYS B 107 5.10 -1.27 -12.22
CA CYS B 107 5.72 -2.48 -11.72
C CYS B 107 5.51 -3.79 -12.52
N LEU B 108 4.35 -3.94 -13.16
CA LEU B 108 4.09 -5.14 -13.95
C LEU B 108 4.81 -5.15 -15.29
N ARG B 109 5.37 -4.01 -15.69
CA ARG B 109 6.11 -3.92 -16.95
C ARG B 109 7.32 -4.85 -16.90
N ARG B 110 7.67 -5.43 -18.05
CA ARG B 110 8.82 -6.33 -18.12
C ARG B 110 10.06 -5.61 -18.63
N LEU B 111 11.19 -5.79 -17.97
CA LEU B 111 12.44 -5.12 -18.37
C LEU B 111 13.70 -5.83 -17.91
N PRO B 112 14.86 -5.46 -18.48
CA PRO B 112 16.13 -6.07 -18.09
C PRO B 112 16.37 -5.48 -16.69
N PHE B 113 17.46 -5.84 -16.01
CA PHE B 113 17.68 -5.28 -14.68
C PHE B 113 19.08 -5.45 -14.13
N ILE B 114 19.39 -4.69 -13.09
CA ILE B 114 20.70 -4.73 -12.44
C ILE B 114 20.63 -5.38 -11.04
N CYS B 115 21.44 -6.40 -10.85
CA CYS B 115 21.53 -7.07 -9.55
C CYS B 115 22.91 -6.72 -8.99
N SER B 116 23.02 -6.65 -7.68
CA SER B 116 24.28 -6.39 -7.03
C SER B 116 24.54 -7.65 -6.21
N TYR B 117 25.82 -8.01 -6.05
CA TYR B 117 26.16 -9.22 -5.29
C TYR B 117 27.55 -9.08 -4.66
#